data_4YNZ
#
_entry.id   4YNZ
#
_cell.length_a   43.299
_cell.length_b   60.745
_cell.length_c   73.937
_cell.angle_alpha   103.74
_cell.angle_beta   106.48
_cell.angle_gamma   107.42
#
_symmetry.space_group_name_H-M   'P 1'
#
loop_
_entity.id
_entity.type
_entity.pdbx_description
1 polymer 'Serine/threonine-protein kinase BRSK2'
2 water water
#
_entity_poly.entity_id   1
_entity_poly.type   'polypeptide(L)'
_entity_poly.pdbx_seq_one_letter_code
;GPLGSMQYVGPYRLEKTLGKGQTGLVKLGIHCVTCQKVAIKIVNREKLSESVLMKVEREIAILKLIEHPHVLKLHDVYEN
KKYLYLVLEHVSGGELFDYLVKKGRLTPKEARKFFRQIISALDFCHSHSICHRDLKPENLLLDERNNIRIADFGMASLQV
GDSLLETSCGSPHYACPEVIRGEKYDGRKADVWSCGVILFALLVGALPFDDDNLRQLLEKVKRGVFHMPHFIPPDCQSLL
RGMIEVDAARRLTLEHIQKHIWYIGGKNEPEPEQPIPRKVQIRSLPSLEDIDPDVLDSMHSLGCFRDRNKLLQDLLSEEE
NQEKMIYFLLLDRKLEHHHHHH
;
_entity_poly.pdbx_strand_id   A,B
#
# COMPACT_ATOMS: atom_id res chain seq x y z
N GLY A 1 5.21 8.21 10.01
CA GLY A 1 4.22 8.83 9.14
C GLY A 1 4.85 9.81 8.18
N PRO A 2 4.03 10.62 7.49
CA PRO A 2 4.60 11.58 6.54
C PRO A 2 5.35 12.70 7.28
N LEU A 3 6.45 13.15 6.70
CA LEU A 3 7.22 14.23 7.31
C LEU A 3 6.38 15.51 7.33
N GLY A 4 6.44 16.21 8.46
CA GLY A 4 5.62 17.40 8.65
C GLY A 4 4.27 17.08 9.29
N SER A 5 3.89 15.81 9.33
CA SER A 5 2.62 15.44 9.95
C SER A 5 2.68 15.55 11.48
N MET A 6 1.51 15.65 12.11
CA MET A 6 1.45 15.86 13.56
C MET A 6 1.84 14.62 14.37
N GLN A 7 2.28 14.86 15.60
CA GLN A 7 2.58 13.78 16.53
C GLN A 7 1.33 13.45 17.34
N TYR A 8 0.54 14.48 17.62
CA TYR A 8 -0.74 14.33 18.32
C TYR A 8 -1.87 14.88 17.44
N VAL A 9 -3.00 14.18 17.42
CA VAL A 9 -4.22 14.64 16.75
C VAL A 9 -5.36 14.69 17.78
N GLY A 10 -5.78 15.90 18.14
CA GLY A 10 -6.70 16.07 19.25
C GLY A 10 -6.11 15.36 20.46
N PRO A 11 -6.88 14.42 21.03
CA PRO A 11 -6.44 13.67 22.21
C PRO A 11 -5.67 12.39 21.84
N TYR A 12 -5.53 12.15 20.54
CA TYR A 12 -4.91 10.92 20.08
C TYR A 12 -3.42 11.05 19.83
N ARG A 13 -2.65 10.12 20.38
CA ARG A 13 -1.23 10.03 20.08
C ARG A 13 -1.03 9.12 18.85
N LEU A 14 -0.35 9.62 17.83
CA LEU A 14 -0.02 8.80 16.65
C LEU A 14 1.09 7.78 16.90
N GLU A 15 0.82 6.51 16.57
CA GLU A 15 1.82 5.46 16.71
C GLU A 15 2.25 4.96 15.33
N LYS A 16 2.15 3.65 15.08
CA LYS A 16 2.71 3.05 13.86
C LYS A 16 1.83 3.20 12.62
N THR A 17 2.48 3.19 11.46
CA THR A 17 1.77 3.24 10.20
C THR A 17 1.06 1.90 9.98
N LEU A 18 -0.20 1.94 9.60
CA LEU A 18 -0.96 0.72 9.40
C LEU A 18 -0.95 0.26 7.94
N GLY A 19 -0.95 1.22 7.03
CA GLY A 19 -0.96 0.92 5.61
C GLY A 19 -1.07 2.23 4.88
N LYS A 20 -0.85 2.20 3.57
CA LYS A 20 -0.96 3.43 2.79
C LYS A 20 -1.26 3.09 1.36
N GLY A 21 -1.69 4.11 0.61
CA GLY A 21 -1.92 3.96 -0.82
C GLY A 21 -2.18 5.33 -1.40
N GLN A 22 -2.70 5.38 -2.62
CA GLN A 22 -2.96 6.66 -3.29
C GLN A 22 -3.85 7.62 -2.49
N THR A 23 -4.78 7.09 -1.71
CA THR A 23 -5.79 7.90 -1.03
C THR A 23 -5.33 8.44 0.34
N GLY A 24 -4.18 7.98 0.79
CA GLY A 24 -3.60 8.51 2.01
C GLY A 24 -2.89 7.45 2.84
N LEU A 25 -2.43 7.87 4.02
CA LEU A 25 -1.64 7.00 4.89
C LEU A 25 -2.44 6.81 6.17
N VAL A 26 -2.56 5.58 6.62
CA VAL A 26 -3.33 5.29 7.82
C VAL A 26 -2.38 4.97 8.97
N LYS A 27 -2.54 5.66 10.10
CA LYS A 27 -1.72 5.41 11.30
C LYS A 27 -2.57 4.95 12.49
N LEU A 28 -1.97 4.15 13.36
CA LEU A 28 -2.63 3.74 14.58
C LEU A 28 -2.64 4.93 15.54
N GLY A 29 -3.79 5.23 16.11
CA GLY A 29 -3.87 6.29 17.10
C GLY A 29 -4.31 5.73 18.47
N ILE A 30 -3.85 6.38 19.53
CA ILE A 30 -4.18 5.94 20.90
C ILE A 30 -4.71 7.13 21.70
N HIS A 31 -5.92 7.01 22.24
CA HIS A 31 -6.46 8.10 23.05
C HIS A 31 -5.62 8.23 24.33
N CYS A 32 -5.14 9.44 24.61
CA CYS A 32 -4.19 9.65 25.70
C CYS A 32 -4.76 9.46 27.11
N VAL A 33 -6.08 9.32 27.22
CA VAL A 33 -6.75 9.13 28.50
C VAL A 33 -7.29 7.72 28.65
N THR A 34 -8.05 7.28 27.65
CA THR A 34 -8.78 6.02 27.69
C THR A 34 -7.99 4.85 27.10
N CYS A 35 -6.96 5.18 26.32
CA CYS A 35 -6.13 4.20 25.62
C CYS A 35 -6.90 3.50 24.51
N GLN A 36 -8.07 4.03 24.19
CA GLN A 36 -8.85 3.61 23.03
C GLN A 36 -8.07 3.77 21.71
N LYS A 37 -8.03 2.71 20.92
CA LYS A 37 -7.42 2.76 19.60
C LYS A 37 -8.37 3.31 18.53
N VAL A 38 -7.82 4.12 17.62
CA VAL A 38 -8.53 4.60 16.44
C VAL A 38 -7.62 4.41 15.23
N ALA A 39 -8.16 4.49 14.01
CA ALA A 39 -7.30 4.52 12.83
C ALA A 39 -7.30 5.95 12.31
N ILE A 40 -6.13 6.52 12.11
CA ILE A 40 -6.08 7.91 11.69
C ILE A 40 -5.57 8.00 10.26
N LYS A 41 -6.43 8.45 9.35
CA LYS A 41 -5.99 8.59 7.97
C LYS A 41 -5.50 10.01 7.68
N ILE A 42 -4.26 10.10 7.21
CA ILE A 42 -3.62 11.35 6.88
C ILE A 42 -3.66 11.57 5.36
N VAL A 43 -4.14 12.75 4.96
CA VAL A 43 -4.31 13.07 3.54
C VAL A 43 -3.65 14.41 3.25
N ASN A 44 -2.84 14.48 2.19
CA ASN A 44 -2.14 15.71 1.84
C ASN A 44 -3.05 16.61 1.02
N ARG A 45 -3.46 17.73 1.62
CA ARG A 45 -4.35 18.68 0.97
C ARG A 45 -3.69 19.41 -0.20
N GLU A 46 -2.37 19.57 -0.15
CA GLU A 46 -1.66 20.39 -1.13
C GLU A 46 -1.52 19.71 -2.50
N LYS A 47 -1.38 18.39 -2.48
CA LYS A 47 -1.24 17.63 -3.72
C LYS A 47 -2.56 17.64 -4.50
N LEU A 48 -3.64 17.99 -3.83
CA LEU A 48 -4.98 17.91 -4.39
C LEU A 48 -5.35 19.13 -5.23
N SER A 49 -6.05 18.90 -6.34
CA SER A 49 -6.59 20.00 -7.11
C SER A 49 -7.72 20.65 -6.33
N GLU A 50 -8.18 21.80 -6.82
CA GLU A 50 -9.22 22.58 -6.14
C GLU A 50 -10.52 21.80 -6.01
N SER A 51 -11.08 21.35 -7.12
CA SER A 51 -12.37 20.67 -7.13
C SER A 51 -12.36 19.33 -6.37
N VAL A 52 -11.22 18.66 -6.36
CA VAL A 52 -11.09 17.37 -5.67
C VAL A 52 -11.16 17.58 -4.16
N LEU A 53 -10.36 18.53 -3.67
CA LEU A 53 -10.31 18.87 -2.27
C LEU A 53 -11.71 19.19 -1.74
N MET A 54 -12.45 20.01 -2.50
CA MET A 54 -13.80 20.40 -2.12
C MET A 54 -14.76 19.21 -2.08
N LYS A 55 -14.71 18.39 -3.13
CA LYS A 55 -15.58 17.20 -3.20
C LYS A 55 -15.33 16.27 -2.02
N VAL A 56 -14.06 16.12 -1.64
CA VAL A 56 -13.67 15.23 -0.56
C VAL A 56 -14.10 15.79 0.79
N GLU A 57 -13.84 17.07 1.00
CA GLU A 57 -14.17 17.71 2.28
C GLU A 57 -15.69 17.79 2.49
N ARG A 58 -16.42 18.01 1.41
CA ARG A 58 -17.89 17.99 1.47
C ARG A 58 -18.43 16.64 1.95
N GLU A 59 -17.92 15.55 1.38
CA GLU A 59 -18.42 14.22 1.75
C GLU A 59 -17.97 13.77 3.15
N ILE A 60 -16.75 14.12 3.51
CA ILE A 60 -16.23 13.90 4.84
C ILE A 60 -17.09 14.60 5.91
N ALA A 61 -17.59 15.80 5.56
CA ALA A 61 -18.52 16.54 6.42
C ALA A 61 -19.84 15.80 6.67
N ILE A 62 -20.30 15.04 5.67
CA ILE A 62 -21.52 14.24 5.82
C ILE A 62 -21.20 12.99 6.65
N LEU A 63 -20.12 12.33 6.29
CA LEU A 63 -19.71 11.07 6.93
C LEU A 63 -19.46 11.22 8.43
N LYS A 64 -18.85 12.34 8.84
CA LYS A 64 -18.55 12.54 10.24
C LYS A 64 -19.82 12.73 11.10
N LEU A 65 -20.95 13.05 10.46
CA LEU A 65 -22.19 13.31 11.19
C LEU A 65 -23.17 12.13 11.22
N ILE A 66 -22.87 11.06 10.48
CA ILE A 66 -23.75 9.89 10.45
C ILE A 66 -23.03 8.64 10.92
N GLU A 67 -23.80 7.60 11.23
CA GLU A 67 -23.25 6.33 11.75
C GLU A 67 -24.10 5.13 11.37
N HIS A 68 -23.46 4.05 10.93
CA HIS A 68 -24.15 2.83 10.52
C HIS A 68 -23.25 1.66 10.94
N PRO A 69 -23.82 0.53 11.39
CA PRO A 69 -22.94 -0.53 11.94
C PRO A 69 -22.10 -1.25 10.87
N HIS A 70 -22.38 -0.99 9.59
CA HIS A 70 -21.58 -1.58 8.51
C HIS A 70 -20.83 -0.55 7.63
N VAL A 71 -20.72 0.67 8.13
CA VAL A 71 -19.88 1.69 7.52
C VAL A 71 -18.79 2.07 8.52
N LEU A 72 -17.52 1.98 8.10
CA LEU A 72 -16.38 2.35 8.97
C LEU A 72 -16.62 3.75 9.53
N LYS A 73 -16.81 3.86 10.86
CA LYS A 73 -17.22 5.13 11.45
C LYS A 73 -16.12 6.22 11.42
N LEU A 74 -16.46 7.36 10.82
CA LEU A 74 -15.63 8.56 10.86
C LEU A 74 -16.02 9.42 12.07
N HIS A 75 -15.13 9.51 13.04
CA HIS A 75 -15.43 10.11 14.34
C HIS A 75 -15.23 11.61 14.32
N ASP A 76 -14.14 12.06 13.71
CA ASP A 76 -13.84 13.48 13.62
C ASP A 76 -12.80 13.78 12.54
N VAL A 77 -12.56 15.07 12.32
CA VAL A 77 -11.67 15.56 11.26
C VAL A 77 -10.83 16.69 11.84
N TYR A 78 -9.51 16.60 11.67
CA TYR A 78 -8.62 17.68 12.08
C TYR A 78 -7.80 18.12 10.87
N GLU A 79 -7.35 19.38 10.88
CA GLU A 79 -6.56 19.91 9.78
C GLU A 79 -5.48 20.91 10.20
N ASN A 80 -4.24 20.62 9.80
CA ASN A 80 -3.24 21.66 9.55
C ASN A 80 -3.31 21.93 8.05
N LYS A 81 -2.88 23.11 7.62
CA LYS A 81 -3.00 23.50 6.21
C LYS A 81 -2.48 22.43 5.26
N LYS A 82 -1.51 21.66 5.71
CA LYS A 82 -0.88 20.64 4.87
C LYS A 82 -1.64 19.31 4.84
N TYR A 83 -2.14 18.89 6.01
CA TYR A 83 -2.73 17.56 6.16
C TYR A 83 -4.16 17.60 6.70
N LEU A 84 -5.03 16.72 6.18
CA LEU A 84 -6.27 16.42 6.88
C LEU A 84 -6.02 15.16 7.69
N TYR A 85 -6.60 15.11 8.89
CA TYR A 85 -6.52 13.91 9.70
C TYR A 85 -7.94 13.39 9.96
N LEU A 86 -8.19 12.19 9.50
CA LEU A 86 -9.51 11.58 9.64
C LEU A 86 -9.43 10.55 10.75
N VAL A 87 -10.13 10.81 11.84
CA VAL A 87 -10.10 9.88 12.96
C VAL A 87 -11.15 8.81 12.73
N LEU A 88 -10.71 7.57 12.53
CA LEU A 88 -11.63 6.49 12.15
C LEU A 88 -11.71 5.36 13.18
N GLU A 89 -12.87 4.70 13.19
CA GLU A 89 -13.05 3.43 13.85
C GLU A 89 -11.88 2.49 13.51
N HIS A 90 -11.38 1.81 14.53
CA HIS A 90 -10.24 0.93 14.33
C HIS A 90 -10.72 -0.50 14.18
N VAL A 91 -10.34 -1.14 13.08
CA VAL A 91 -10.76 -2.50 12.78
C VAL A 91 -9.55 -3.31 12.28
N SER A 92 -9.43 -4.56 12.70
CA SER A 92 -8.20 -5.32 12.41
C SER A 92 -8.45 -6.79 12.06
N GLY A 93 -9.69 -7.12 11.70
CA GLY A 93 -10.06 -8.48 11.40
C GLY A 93 -9.66 -8.93 10.00
N GLY A 94 -9.07 -8.03 9.22
CA GLY A 94 -8.64 -8.36 7.89
C GLY A 94 -9.67 -7.86 6.88
N GLU A 95 -9.64 -8.41 5.68
CA GLU A 95 -10.62 -8.01 4.69
C GLU A 95 -11.45 -9.20 4.21
N LEU A 96 -12.61 -8.88 3.63
CA LEU A 96 -13.59 -9.92 3.28
C LEU A 96 -13.00 -11.09 2.52
N PHE A 97 -12.18 -10.80 1.50
CA PHE A 97 -11.64 -11.89 0.70
C PHE A 97 -10.61 -12.78 1.45
N ASP A 98 -10.15 -12.35 2.62
CA ASP A 98 -9.30 -13.22 3.46
C ASP A 98 -10.17 -14.36 3.96
N TYR A 99 -11.41 -14.03 4.28
CA TYR A 99 -12.39 -15.02 4.69
C TYR A 99 -12.73 -15.94 3.51
N LEU A 100 -12.98 -15.34 2.35
CA LEU A 100 -13.34 -16.11 1.15
C LEU A 100 -12.27 -17.14 0.79
N VAL A 101 -11.01 -16.74 0.89
CA VAL A 101 -9.88 -17.64 0.64
C VAL A 101 -9.90 -18.87 1.54
N LYS A 102 -10.23 -18.68 2.81
CA LYS A 102 -10.34 -19.81 3.74
C LYS A 102 -11.45 -20.80 3.38
N LYS A 103 -12.55 -20.28 2.84
CA LYS A 103 -13.71 -21.11 2.51
C LYS A 103 -13.68 -21.65 1.08
N GLY A 104 -12.96 -20.94 0.20
CA GLY A 104 -13.02 -21.23 -1.23
C GLY A 104 -14.17 -20.51 -1.90
N ARG A 105 -15.40 -20.85 -1.52
CA ARG A 105 -16.58 -20.11 -1.96
C ARG A 105 -17.63 -20.23 -0.87
N LEU A 106 -18.54 -19.27 -0.79
CA LEU A 106 -19.56 -19.28 0.24
C LEU A 106 -20.83 -19.97 -0.23
N THR A 107 -21.56 -20.57 0.70
CA THR A 107 -22.92 -21.01 0.43
C THR A 107 -23.79 -19.78 0.16
N PRO A 108 -24.80 -19.95 -0.70
CA PRO A 108 -25.74 -18.86 -0.92
C PRO A 108 -26.27 -18.27 0.39
N LYS A 109 -26.48 -19.08 1.43
CA LYS A 109 -26.93 -18.49 2.69
C LYS A 109 -25.89 -17.59 3.37
N GLU A 110 -24.63 -18.03 3.42
CA GLU A 110 -23.59 -17.20 4.01
C GLU A 110 -23.31 -15.94 3.18
N ALA A 111 -23.23 -16.09 1.86
CA ALA A 111 -23.01 -14.93 0.99
C ALA A 111 -24.11 -13.89 1.17
N ARG A 112 -25.34 -14.35 1.38
CA ARG A 112 -26.46 -13.42 1.55
C ARG A 112 -26.32 -12.59 2.82
N LYS A 113 -25.78 -13.21 3.86
CA LYS A 113 -25.48 -12.53 5.11
C LYS A 113 -24.56 -11.32 4.85
N PHE A 114 -23.45 -11.53 4.15
CA PHE A 114 -22.56 -10.42 3.83
C PHE A 114 -23.22 -9.40 2.91
N PHE A 115 -23.97 -9.91 1.94
CA PHE A 115 -24.61 -9.07 0.94
C PHE A 115 -25.57 -8.08 1.60
N ARG A 116 -26.39 -8.57 2.53
CA ARG A 116 -27.32 -7.71 3.25
C ARG A 116 -26.62 -6.62 4.07
N GLN A 117 -25.46 -6.93 4.64
CA GLN A 117 -24.64 -5.93 5.33
C GLN A 117 -24.19 -4.83 4.38
N ILE A 118 -23.64 -5.26 3.24
CA ILE A 118 -23.13 -4.34 2.23
C ILE A 118 -24.24 -3.43 1.68
N ILE A 119 -25.36 -4.03 1.30
CA ILE A 119 -26.49 -3.29 0.70
C ILE A 119 -27.08 -2.34 1.75
N SER A 120 -27.16 -2.80 2.99
CA SER A 120 -27.68 -1.98 4.07
C SER A 120 -26.85 -0.71 4.22
N ALA A 121 -25.52 -0.89 4.26
CA ALA A 121 -24.59 0.23 4.35
C ALA A 121 -24.69 1.18 3.16
N LEU A 122 -24.78 0.65 1.95
CA LEU A 122 -24.88 1.50 0.76
C LEU A 122 -26.20 2.24 0.67
N ASP A 123 -27.27 1.57 1.03
CA ASP A 123 -28.58 2.21 1.04
C ASP A 123 -28.60 3.38 2.06
N PHE A 124 -27.92 3.17 3.18
CA PHE A 124 -27.82 4.22 4.21
C PHE A 124 -27.02 5.41 3.68
N CYS A 125 -25.86 5.13 3.10
CA CYS A 125 -25.03 6.20 2.55
C CYS A 125 -25.68 6.93 1.37
N HIS A 126 -26.33 6.18 0.47
CA HIS A 126 -26.99 6.78 -0.69
C HIS A 126 -28.10 7.70 -0.26
N SER A 127 -28.77 7.33 0.84
CA SER A 127 -29.84 8.15 1.40
C SER A 127 -29.31 9.48 1.86
N HIS A 128 -28.01 9.53 2.17
CA HIS A 128 -27.40 10.79 2.56
C HIS A 128 -26.57 11.40 1.43
N SER A 129 -26.92 11.07 0.18
CA SER A 129 -26.23 11.61 -1.00
C SER A 129 -24.74 11.22 -1.11
N ILE A 130 -24.35 10.11 -0.50
CA ILE A 130 -22.97 9.65 -0.57
C ILE A 130 -22.92 8.34 -1.34
N CYS A 131 -22.27 8.32 -2.50
CA CYS A 131 -21.97 7.06 -3.19
C CYS A 131 -20.52 6.70 -2.96
N HIS A 132 -20.20 5.41 -2.99
CA HIS A 132 -18.81 4.99 -2.81
C HIS A 132 -18.01 5.23 -4.09
N ARG A 133 -18.56 4.71 -5.19
CA ARG A 133 -18.03 4.94 -6.54
C ARG A 133 -16.77 4.17 -6.85
N ASP A 134 -16.21 3.48 -5.86
CA ASP A 134 -14.92 2.84 -6.07
C ASP A 134 -14.84 1.57 -5.23
N LEU A 135 -15.98 0.89 -5.14
CA LEU A 135 -16.15 -0.24 -4.26
C LEU A 135 -15.33 -1.43 -4.75
N LYS A 136 -14.46 -1.91 -3.88
CA LYS A 136 -13.62 -3.06 -4.20
C LYS A 136 -13.43 -3.89 -2.92
N PRO A 137 -13.01 -5.15 -3.06
CA PRO A 137 -12.88 -6.04 -1.90
C PRO A 137 -12.06 -5.47 -0.74
N GLU A 138 -10.99 -4.75 -1.04
CA GLU A 138 -10.18 -4.21 0.04
C GLU A 138 -10.88 -3.10 0.84
N ASN A 139 -12.01 -2.59 0.32
CA ASN A 139 -12.83 -1.62 1.07
C ASN A 139 -13.75 -2.33 2.07
N LEU A 140 -13.83 -3.65 1.99
CA LEU A 140 -14.78 -4.40 2.79
C LEU A 140 -14.04 -5.01 3.97
N LEU A 141 -13.91 -4.21 5.02
CA LEU A 141 -13.14 -4.63 6.17
C LEU A 141 -13.93 -5.58 7.04
N LEU A 142 -13.23 -6.39 7.83
CA LEU A 142 -13.87 -7.27 8.79
C LEU A 142 -13.48 -6.86 10.20
N ASP A 143 -14.46 -6.82 11.09
CA ASP A 143 -14.20 -6.65 12.51
C ASP A 143 -13.95 -8.06 13.09
N GLU A 144 -13.90 -8.18 14.41
CA GLU A 144 -13.52 -9.45 15.03
C GLU A 144 -14.58 -10.55 14.90
N ARG A 145 -15.82 -10.14 14.63
CA ARG A 145 -16.93 -11.06 14.43
C ARG A 145 -17.09 -11.49 12.97
N ASN A 146 -16.14 -11.12 12.13
CA ASN A 146 -16.31 -11.29 10.69
C ASN A 146 -17.53 -10.57 10.10
N ASN A 147 -17.90 -9.43 10.69
CA ASN A 147 -18.91 -8.55 10.08
C ASN A 147 -18.22 -7.43 9.28
N ILE A 148 -18.93 -6.92 8.28
CA ILE A 148 -18.38 -5.93 7.36
C ILE A 148 -18.42 -4.51 7.93
N ARG A 149 -17.33 -3.77 7.72
CA ARG A 149 -17.36 -2.31 7.75
C ARG A 149 -16.86 -1.84 6.38
N ILE A 150 -17.69 -1.13 5.64
CA ILE A 150 -17.22 -0.55 4.36
C ILE A 150 -16.42 0.71 4.62
N ALA A 151 -15.18 0.75 4.12
CA ALA A 151 -14.28 1.89 4.34
C ALA A 151 -14.16 2.72 3.05
N ASP A 152 -13.64 3.93 3.21
CA ASP A 152 -13.25 4.82 2.09
C ASP A 152 -14.36 5.39 1.23
N PHE A 153 -15.53 5.53 1.82
CA PHE A 153 -16.51 6.44 1.24
C PHE A 153 -15.90 7.83 1.15
N GLY A 154 -16.17 8.51 0.04
CA GLY A 154 -15.72 9.87 -0.14
C GLY A 154 -14.32 10.04 -0.70
N MET A 155 -13.59 8.95 -0.87
CA MET A 155 -12.20 9.02 -1.34
C MET A 155 -12.03 8.78 -2.84
N ALA A 156 -13.10 8.46 -3.55
CA ALA A 156 -12.98 8.04 -4.96
C ALA A 156 -12.25 9.06 -5.85
N SER A 157 -12.44 10.35 -5.60
CA SER A 157 -11.77 11.36 -6.41
C SER A 157 -10.25 11.43 -6.16
N LEU A 158 -9.80 10.94 -5.02
CA LEU A 158 -8.37 10.89 -4.72
C LEU A 158 -7.63 9.84 -5.57
N GLN A 159 -8.38 9.03 -6.29
CA GLN A 159 -7.76 7.98 -7.11
C GLN A 159 -7.31 8.54 -8.47
N SER A 171 -9.07 -0.29 -9.60
CA SER A 171 -9.39 -1.71 -9.78
C SER A 171 -10.57 -1.94 -10.73
N PRO A 172 -10.27 -1.97 -12.04
CA PRO A 172 -11.29 -2.10 -13.09
C PRO A 172 -12.12 -3.39 -13.05
N HIS A 173 -11.67 -4.42 -12.34
CA HIS A 173 -12.47 -5.64 -12.19
C HIS A 173 -13.84 -5.37 -11.60
N TYR A 174 -13.94 -4.31 -10.79
CA TYR A 174 -15.13 -4.07 -10.01
C TYR A 174 -15.92 -2.82 -10.45
N ALA A 175 -15.38 -2.13 -11.44
CA ALA A 175 -15.98 -0.87 -11.91
C ALA A 175 -16.97 -1.11 -13.04
N CYS A 176 -18.08 -0.37 -13.02
CA CYS A 176 -19.10 -0.53 -14.04
C CYS A 176 -18.59 0.07 -15.37
N PRO A 177 -19.21 -0.30 -16.51
CA PRO A 177 -18.67 0.20 -17.78
C PRO A 177 -18.67 1.72 -17.88
N GLU A 178 -19.63 2.40 -17.25
CA GLU A 178 -19.65 3.85 -17.39
C GLU A 178 -18.45 4.51 -16.66
N VAL A 179 -18.04 3.91 -15.54
CA VAL A 179 -16.88 4.38 -14.79
C VAL A 179 -15.60 4.13 -15.57
N ILE A 180 -15.46 2.92 -16.11
CA ILE A 180 -14.35 2.59 -16.99
C ILE A 180 -14.27 3.52 -18.21
N ARG A 181 -15.41 3.89 -18.75
CA ARG A 181 -15.41 4.72 -19.96
C ARG A 181 -15.15 6.19 -19.64
N GLY A 182 -15.08 6.52 -18.35
CA GLY A 182 -14.83 7.89 -17.93
C GLY A 182 -15.96 8.83 -18.26
N GLU A 183 -17.18 8.30 -18.33
CA GLU A 183 -18.32 9.14 -18.67
C GLU A 183 -19.04 9.63 -17.43
N LYS A 184 -20.01 10.53 -17.62
CA LYS A 184 -20.86 10.98 -16.53
C LYS A 184 -21.76 9.81 -16.12
N TYR A 185 -21.95 9.62 -14.83
CA TYR A 185 -22.70 8.46 -14.37
C TYR A 185 -23.41 8.72 -13.05
N ASP A 186 -24.36 7.84 -12.75
CA ASP A 186 -25.03 7.84 -11.45
C ASP A 186 -24.16 7.01 -10.51
N GLY A 187 -23.67 7.63 -9.44
CA GLY A 187 -22.87 6.90 -8.46
C GLY A 187 -23.59 5.74 -7.79
N ARG A 188 -24.91 5.85 -7.68
CA ARG A 188 -25.71 4.80 -7.06
C ARG A 188 -25.70 3.58 -7.95
N LYS A 189 -25.75 3.82 -9.25
CA LYS A 189 -25.76 2.75 -10.24
C LYS A 189 -24.41 2.03 -10.31
N ALA A 190 -23.33 2.80 -10.23
CA ALA A 190 -21.99 2.22 -10.16
C ALA A 190 -21.84 1.31 -8.94
N ASP A 191 -22.33 1.76 -7.78
CA ASP A 191 -22.22 0.94 -6.58
C ASP A 191 -22.95 -0.39 -6.76
N VAL A 192 -24.11 -0.34 -7.44
CA VAL A 192 -24.90 -1.57 -7.65
C VAL A 192 -24.13 -2.57 -8.51
N TRP A 193 -23.51 -2.08 -9.59
CA TRP A 193 -22.66 -2.93 -10.40
C TRP A 193 -21.52 -3.55 -9.57
N SER A 194 -20.81 -2.71 -8.80
CA SER A 194 -19.72 -3.23 -8.00
C SER A 194 -20.19 -4.29 -6.99
N CYS A 195 -21.36 -4.06 -6.38
CA CYS A 195 -21.94 -5.07 -5.47
C CYS A 195 -22.30 -6.38 -6.15
N GLY A 196 -22.82 -6.31 -7.38
CA GLY A 196 -23.07 -7.51 -8.18
C GLY A 196 -21.76 -8.29 -8.39
N VAL A 197 -20.70 -7.60 -8.78
CA VAL A 197 -19.44 -8.28 -9.03
C VAL A 197 -18.92 -8.96 -7.76
N ILE A 198 -19.07 -8.27 -6.63
CA ILE A 198 -18.63 -8.79 -5.35
C ILE A 198 -19.45 -9.99 -4.92
N LEU A 199 -20.77 -9.90 -5.06
CA LEU A 199 -21.66 -11.00 -4.73
C LEU A 199 -21.26 -12.22 -5.55
N PHE A 200 -21.01 -12.01 -6.84
CA PHE A 200 -20.61 -13.10 -7.74
C PHE A 200 -19.35 -13.76 -7.23
N ALA A 201 -18.39 -12.94 -6.83
CA ALA A 201 -17.12 -13.44 -6.32
C ALA A 201 -17.30 -14.25 -5.05
N LEU A 202 -18.23 -13.85 -4.19
CA LEU A 202 -18.45 -14.61 -2.94
C LEU A 202 -19.03 -16.00 -3.24
N LEU A 203 -19.92 -16.03 -4.22
CA LEU A 203 -20.58 -17.29 -4.57
C LEU A 203 -19.69 -18.23 -5.38
N VAL A 204 -18.84 -17.66 -6.24
CA VAL A 204 -18.10 -18.43 -7.23
C VAL A 204 -16.64 -18.68 -6.85
N GLY A 205 -16.00 -17.70 -6.19
CA GLY A 205 -14.59 -17.82 -5.89
C GLY A 205 -13.73 -17.45 -7.09
N ALA A 206 -14.32 -16.68 -8.00
CA ALA A 206 -13.67 -16.22 -9.21
C ALA A 206 -14.45 -14.99 -9.65
N LEU A 207 -13.84 -14.14 -10.46
CA LEU A 207 -14.50 -12.92 -10.92
C LEU A 207 -15.29 -13.14 -12.22
N PRO A 208 -16.38 -12.38 -12.42
CA PRO A 208 -17.15 -12.52 -13.66
C PRO A 208 -16.37 -12.01 -14.86
N PHE A 209 -15.56 -10.99 -14.61
CA PHE A 209 -14.67 -10.44 -15.63
C PHE A 209 -13.24 -10.47 -15.10
N ASP A 210 -12.37 -11.20 -15.80
CA ASP A 210 -10.97 -11.26 -15.43
C ASP A 210 -10.11 -11.47 -16.67
N ASP A 211 -8.88 -11.01 -16.61
CA ASP A 211 -7.97 -11.17 -17.73
C ASP A 211 -6.53 -10.90 -17.29
N ASP A 212 -5.60 -11.57 -17.94
CA ASP A 212 -4.18 -11.38 -17.66
C ASP A 212 -3.67 -10.06 -18.24
N ASN A 213 -4.46 -9.46 -19.12
CA ASN A 213 -4.12 -8.18 -19.74
C ASN A 213 -5.18 -7.11 -19.53
N LEU A 214 -4.75 -5.94 -19.05
CA LEU A 214 -5.69 -4.89 -18.68
C LEU A 214 -6.59 -4.51 -19.84
N ARG A 215 -6.00 -4.27 -21.00
CA ARG A 215 -6.76 -3.85 -22.17
C ARG A 215 -7.95 -4.78 -22.46
N GLN A 216 -7.71 -6.09 -22.44
CA GLN A 216 -8.77 -7.07 -22.70
C GLN A 216 -9.81 -7.11 -21.59
N LEU A 217 -9.38 -6.88 -20.35
CA LEU A 217 -10.32 -6.87 -19.21
C LEU A 217 -11.34 -5.73 -19.33
N LEU A 218 -10.87 -4.53 -19.65
CA LEU A 218 -11.78 -3.40 -19.84
C LEU A 218 -12.85 -3.70 -20.90
N GLU A 219 -12.41 -4.34 -21.99
CA GLU A 219 -13.31 -4.77 -23.05
C GLU A 219 -14.38 -5.75 -22.57
N LYS A 220 -13.95 -6.78 -21.83
CA LYS A 220 -14.89 -7.73 -21.19
C LYS A 220 -15.94 -7.03 -20.34
N VAL A 221 -15.49 -6.12 -19.47
CA VAL A 221 -16.40 -5.38 -18.61
C VAL A 221 -17.38 -4.55 -19.42
N LYS A 222 -16.87 -3.85 -20.43
CA LYS A 222 -17.71 -3.05 -21.31
C LYS A 222 -18.75 -3.89 -22.08
N ARG A 223 -18.33 -5.03 -22.60
CA ARG A 223 -19.26 -5.92 -23.31
C ARG A 223 -20.23 -6.54 -22.32
N GLY A 224 -19.70 -6.88 -21.15
CA GLY A 224 -20.52 -7.22 -20.00
C GLY A 224 -21.03 -8.64 -20.00
N VAL A 225 -20.49 -9.47 -20.89
CA VAL A 225 -20.90 -10.87 -20.97
C VAL A 225 -20.08 -11.63 -19.96
N PHE A 226 -20.73 -12.52 -19.21
CA PHE A 226 -20.01 -13.38 -18.28
C PHE A 226 -20.67 -14.74 -18.15
N HIS A 227 -19.93 -15.70 -17.61
CA HIS A 227 -20.44 -17.05 -17.47
C HIS A 227 -21.09 -17.21 -16.10
N MET A 228 -22.36 -17.58 -16.09
CA MET A 228 -23.04 -17.81 -14.82
C MET A 228 -23.15 -19.28 -14.50
N PRO A 229 -22.42 -19.73 -13.45
CA PRO A 229 -22.40 -21.15 -13.06
C PRO A 229 -23.77 -21.73 -12.72
N HIS A 230 -23.95 -23.00 -13.04
CA HIS A 230 -25.23 -23.67 -12.86
C HIS A 230 -25.61 -23.85 -11.38
N PHE A 231 -24.61 -23.93 -10.51
CA PHE A 231 -24.89 -24.13 -9.08
C PHE A 231 -25.47 -22.89 -8.39
N ILE A 232 -25.39 -21.73 -9.04
CA ILE A 232 -25.99 -20.53 -8.49
C ILE A 232 -27.50 -20.62 -8.68
N PRO A 233 -28.25 -20.57 -7.56
CA PRO A 233 -29.72 -20.63 -7.58
C PRO A 233 -30.33 -19.55 -8.49
N PRO A 234 -31.42 -19.90 -9.20
CA PRO A 234 -31.93 -19.09 -10.32
C PRO A 234 -32.53 -17.74 -9.91
N ASP A 235 -33.07 -17.64 -8.69
CA ASP A 235 -33.54 -16.34 -8.25
C ASP A 235 -32.35 -15.46 -7.86
N CYS A 236 -31.28 -16.10 -7.36
CA CYS A 236 -30.04 -15.39 -7.09
C CYS A 236 -29.37 -15.01 -8.40
N GLN A 237 -29.39 -15.93 -9.35
CA GLN A 237 -28.89 -15.70 -10.69
C GLN A 237 -29.65 -14.54 -11.38
N SER A 238 -30.95 -14.43 -11.14
CA SER A 238 -31.65 -13.29 -11.72
C SER A 238 -31.21 -11.97 -11.07
N LEU A 239 -30.92 -12.01 -9.77
CA LEU A 239 -30.44 -10.85 -9.05
C LEU A 239 -29.16 -10.34 -9.68
N LEU A 240 -28.23 -11.28 -9.97
CA LEU A 240 -26.90 -10.92 -10.44
C LEU A 240 -26.95 -10.31 -11.82
N ARG A 241 -27.83 -10.85 -12.66
CA ARG A 241 -28.05 -10.31 -13.99
C ARG A 241 -28.62 -8.90 -13.94
N GLY A 242 -29.44 -8.62 -12.95
CA GLY A 242 -30.03 -7.28 -12.81
C GLY A 242 -29.01 -6.25 -12.36
N MET A 243 -28.03 -6.69 -11.57
CA MET A 243 -27.02 -5.80 -11.05
C MET A 243 -25.85 -5.60 -12.00
N ILE A 244 -25.36 -6.68 -12.58
CA ILE A 244 -24.28 -6.64 -13.55
C ILE A 244 -24.91 -6.45 -14.93
N GLU A 245 -25.64 -5.34 -15.06
CA GLU A 245 -26.35 -5.00 -16.29
C GLU A 245 -25.67 -3.77 -16.86
N VAL A 246 -25.22 -3.87 -18.11
CA VAL A 246 -24.42 -2.82 -18.75
C VAL A 246 -25.19 -1.50 -18.94
N ASP A 247 -26.49 -1.61 -19.19
CA ASP A 247 -27.35 -0.43 -19.35
C ASP A 247 -27.73 0.11 -17.97
N ALA A 248 -27.17 1.25 -17.60
CA ALA A 248 -27.37 1.84 -16.28
C ALA A 248 -28.82 2.19 -16.03
N ALA A 249 -29.55 2.48 -17.10
CA ALA A 249 -30.98 2.75 -17.01
C ALA A 249 -31.74 1.47 -16.65
N ARG A 250 -31.25 0.33 -17.14
CA ARG A 250 -31.92 -0.95 -16.90
C ARG A 250 -31.45 -1.61 -15.61
N ARG A 251 -30.25 -1.28 -15.18
CA ARG A 251 -29.66 -1.89 -13.99
C ARG A 251 -30.57 -1.67 -12.76
N LEU A 252 -30.64 -2.68 -11.90
CA LEU A 252 -31.44 -2.64 -10.68
C LEU A 252 -31.08 -1.50 -9.72
N THR A 253 -32.08 -0.94 -9.05
CA THR A 253 -31.86 0.06 -8.00
C THR A 253 -31.69 -0.62 -6.66
N LEU A 254 -31.18 0.09 -5.67
CA LEU A 254 -31.00 -0.51 -4.34
C LEU A 254 -32.36 -0.84 -3.75
N GLU A 255 -33.33 0.01 -4.07
CA GLU A 255 -34.72 -0.20 -3.65
C GLU A 255 -35.22 -1.55 -4.20
N HIS A 256 -34.97 -1.80 -5.48
CA HIS A 256 -35.38 -3.05 -6.11
C HIS A 256 -34.65 -4.24 -5.48
N ILE A 257 -33.36 -4.09 -5.26
CA ILE A 257 -32.56 -5.16 -4.64
C ILE A 257 -33.16 -5.57 -3.30
N GLN A 258 -33.51 -4.59 -2.47
CA GLN A 258 -34.03 -4.85 -1.14
C GLN A 258 -35.43 -5.47 -1.13
N LYS A 259 -36.11 -5.47 -2.27
CA LYS A 259 -37.40 -6.15 -2.36
C LYS A 259 -37.27 -7.50 -3.07
N HIS A 260 -36.07 -7.86 -3.50
CA HIS A 260 -35.89 -9.07 -4.29
C HIS A 260 -36.12 -10.29 -3.43
N ILE A 261 -36.84 -11.27 -3.98
CA ILE A 261 -37.13 -12.50 -3.25
C ILE A 261 -35.87 -13.11 -2.61
N TRP A 262 -34.75 -13.12 -3.33
CA TRP A 262 -33.54 -13.72 -2.81
C TRP A 262 -32.98 -12.92 -1.64
N TYR A 263 -33.12 -11.60 -1.74
CA TYR A 263 -32.64 -10.70 -0.70
C TYR A 263 -33.44 -10.86 0.58
N ILE A 264 -34.74 -11.02 0.40
CA ILE A 264 -35.67 -11.11 1.52
C ILE A 264 -35.54 -12.45 2.24
N GLY A 265 -35.20 -13.49 1.48
CA GLY A 265 -35.06 -14.82 2.04
C GLY A 265 -36.40 -15.39 2.49
N PRO A 277 -30.57 2.43 12.66
CA PRO A 277 -29.83 3.62 12.23
C PRO A 277 -30.78 4.70 11.69
N ARG A 278 -30.70 5.90 12.26
CA ARG A 278 -31.64 6.96 11.94
C ARG A 278 -31.21 7.77 10.72
N LYS A 279 -32.08 7.83 9.71
CA LYS A 279 -31.83 8.67 8.54
C LYS A 279 -32.38 10.08 8.75
N VAL A 280 -31.63 11.09 8.30
CA VAL A 280 -32.14 12.46 8.30
C VAL A 280 -32.64 12.79 6.91
N GLN A 281 -33.77 13.45 6.80
CA GLN A 281 -34.34 13.72 5.48
C GLN A 281 -34.08 15.15 5.03
N ILE A 282 -33.63 15.28 3.78
CA ILE A 282 -33.44 16.58 3.15
C ILE A 282 -34.80 17.20 2.84
N ARG A 283 -34.93 18.49 3.14
CA ARG A 283 -36.17 19.25 2.97
C ARG A 283 -35.82 20.40 2.04
N SER A 284 -36.81 21.16 1.59
CA SER A 284 -36.51 22.30 0.74
C SER A 284 -36.31 23.59 1.54
N LEU A 285 -35.50 24.50 1.01
CA LEU A 285 -35.35 25.83 1.57
C LEU A 285 -35.77 26.85 0.51
N PRO A 286 -37.06 27.25 0.53
CA PRO A 286 -37.63 28.17 -0.46
C PRO A 286 -36.96 29.54 -0.46
N SER A 287 -36.59 30.03 0.71
CA SER A 287 -36.06 31.37 0.80
C SER A 287 -34.97 31.52 1.86
N LEU A 288 -34.18 32.56 1.72
CA LEU A 288 -33.08 32.86 2.62
C LEU A 288 -33.55 33.00 4.06
N GLU A 289 -34.82 33.33 4.24
CA GLU A 289 -35.37 33.51 5.59
C GLU A 289 -35.54 32.17 6.29
N ASP A 290 -35.51 31.09 5.50
CA ASP A 290 -35.69 29.73 6.01
C ASP A 290 -34.38 29.16 6.52
N ILE A 291 -33.29 29.86 6.21
CA ILE A 291 -31.96 29.36 6.52
C ILE A 291 -31.58 29.73 7.94
N ASP A 292 -31.37 28.72 8.77
CA ASP A 292 -30.94 28.91 10.15
C ASP A 292 -29.54 29.50 10.14
N PRO A 293 -29.35 30.64 10.83
CA PRO A 293 -28.07 31.35 10.80
C PRO A 293 -26.97 30.59 11.51
N ASP A 294 -27.32 29.84 12.54
CA ASP A 294 -26.33 29.03 13.25
C ASP A 294 -25.77 27.93 12.35
N VAL A 295 -26.67 27.23 11.65
CA VAL A 295 -26.25 26.17 10.72
C VAL A 295 -25.36 26.72 9.60
N LEU A 296 -25.73 27.86 9.02
CA LEU A 296 -24.94 28.47 7.95
C LEU A 296 -23.54 28.84 8.43
N ASP A 297 -23.46 29.41 9.62
CA ASP A 297 -22.18 29.77 10.21
C ASP A 297 -21.28 28.56 10.39
N SER A 298 -21.88 27.43 10.80
CA SER A 298 -21.11 26.22 10.97
C SER A 298 -20.64 25.70 9.62
N MET A 299 -21.47 25.92 8.60
CA MET A 299 -21.12 25.48 7.24
C MET A 299 -19.99 26.37 6.69
N HIS A 300 -20.09 27.67 6.94
CA HIS A 300 -19.05 28.62 6.55
C HIS A 300 -17.71 28.22 7.14
N SER A 301 -17.73 27.71 8.37
CA SER A 301 -16.52 27.38 9.09
C SER A 301 -15.86 26.08 8.63
N LEU A 302 -16.58 25.26 7.87
CA LEU A 302 -16.06 23.96 7.44
C LEU A 302 -14.84 24.10 6.55
N GLY A 303 -14.94 24.92 5.52
CA GLY A 303 -13.79 25.14 4.65
C GLY A 303 -13.97 24.69 3.22
N CYS A 304 -14.73 23.61 3.02
CA CYS A 304 -15.02 23.11 1.69
C CYS A 304 -15.96 24.06 0.93
N PHE A 305 -16.45 25.06 1.64
CA PHE A 305 -17.29 26.07 1.01
C PHE A 305 -16.54 27.38 0.97
N ARG A 306 -15.74 27.55 -0.06
CA ARG A 306 -15.04 28.81 -0.28
C ARG A 306 -15.99 29.78 -0.95
N ASP A 307 -16.50 29.40 -2.11
CA ASP A 307 -17.47 30.21 -2.83
C ASP A 307 -18.78 30.22 -2.06
N ARG A 308 -18.99 31.27 -1.27
CA ARG A 308 -20.12 31.30 -0.36
C ARG A 308 -21.42 31.66 -1.07
N ASN A 309 -21.31 32.38 -2.19
CA ASN A 309 -22.47 32.66 -3.03
C ASN A 309 -22.97 31.35 -3.65
N LYS A 310 -22.03 30.49 -4.01
CA LYS A 310 -22.34 29.22 -4.62
C LYS A 310 -23.01 28.34 -3.59
N LEU A 311 -22.53 28.43 -2.35
CA LEU A 311 -23.14 27.73 -1.22
C LEU A 311 -24.63 28.05 -1.15
N LEU A 312 -24.94 29.33 -1.10
CA LEU A 312 -26.32 29.78 -0.92
C LEU A 312 -27.19 29.35 -2.09
N GLN A 313 -26.69 29.52 -3.31
CA GLN A 313 -27.40 29.01 -4.49
C GLN A 313 -27.72 27.52 -4.31
N ASP A 314 -26.75 26.75 -3.83
CA ASP A 314 -26.95 25.30 -3.71
C ASP A 314 -27.97 24.93 -2.63
N LEU A 315 -28.06 25.76 -1.60
CA LEU A 315 -29.07 25.55 -0.58
C LEU A 315 -30.45 25.96 -1.07
N LEU A 316 -30.52 26.97 -1.94
CA LEU A 316 -31.82 27.40 -2.47
C LEU A 316 -32.25 26.71 -3.76
N SER A 317 -31.38 25.88 -4.33
CA SER A 317 -31.69 25.24 -5.61
C SER A 317 -32.82 24.21 -5.48
N GLU A 318 -33.31 23.76 -6.63
CA GLU A 318 -34.45 22.87 -6.73
C GLU A 318 -34.01 21.41 -6.64
N GLU A 319 -32.72 21.21 -6.44
CA GLU A 319 -32.12 19.89 -6.51
C GLU A 319 -31.54 19.44 -5.17
N GLU A 320 -31.70 18.15 -4.91
CA GLU A 320 -30.99 17.43 -3.87
C GLU A 320 -29.51 17.59 -4.11
N ASN A 321 -28.77 17.93 -3.07
CA ASN A 321 -27.31 18.00 -3.18
C ASN A 321 -26.70 17.82 -1.81
N GLN A 322 -25.37 17.70 -1.77
CA GLN A 322 -24.69 17.47 -0.50
C GLN A 322 -24.75 18.73 0.37
N GLU A 323 -24.91 19.89 -0.26
CA GLU A 323 -25.02 21.15 0.51
C GLU A 323 -26.24 21.10 1.41
N LYS A 324 -27.39 20.72 0.85
CA LYS A 324 -28.60 20.57 1.63
C LYS A 324 -28.46 19.47 2.67
N MET A 325 -27.88 18.33 2.27
CA MET A 325 -27.68 17.23 3.19
C MET A 325 -26.93 17.69 4.45
N ILE A 326 -25.82 18.40 4.24
CA ILE A 326 -25.00 18.88 5.34
C ILE A 326 -25.85 19.84 6.19
N TYR A 327 -26.57 20.73 5.51
CA TYR A 327 -27.45 21.66 6.22
C TYR A 327 -28.36 20.90 7.17
N PHE A 328 -29.07 19.89 6.65
CA PHE A 328 -30.07 19.23 7.47
C PHE A 328 -29.48 18.31 8.55
N LEU A 329 -28.33 17.71 8.27
CA LEU A 329 -27.62 16.98 9.34
C LEU A 329 -27.20 17.92 10.48
N LEU A 330 -26.74 19.11 10.12
CA LEU A 330 -26.35 20.08 11.14
C LEU A 330 -27.58 20.57 11.90
N LEU A 331 -28.66 20.82 11.18
CA LEU A 331 -29.90 21.26 11.81
C LEU A 331 -30.40 20.21 12.80
N ASP A 332 -30.41 18.95 12.37
CA ASP A 332 -30.87 17.86 13.23
C ASP A 332 -29.97 17.70 14.46
N ARG A 333 -28.66 17.85 14.26
CA ARG A 333 -27.72 17.73 15.36
C ARG A 333 -27.87 18.85 16.39
N LYS A 334 -28.23 20.04 15.93
CA LYS A 334 -28.52 21.13 16.85
C LYS A 334 -29.82 20.84 17.59
N LEU A 335 -30.70 20.08 16.96
CA LEU A 335 -32.00 19.72 17.54
C LEU A 335 -31.84 18.65 18.62
N GLY B 1 -6.87 -12.51 0.57
CA GLY B 1 -5.86 -12.68 -0.46
C GLY B 1 -6.50 -12.71 -1.83
N PRO B 2 -5.66 -12.74 -2.88
CA PRO B 2 -6.24 -12.77 -4.23
C PRO B 2 -7.04 -14.05 -4.46
N LEU B 3 -8.03 -13.98 -5.34
CA LEU B 3 -8.85 -15.13 -5.65
C LEU B 3 -7.99 -16.25 -6.24
N GLY B 4 -8.21 -17.47 -5.77
CA GLY B 4 -7.45 -18.60 -6.23
C GLY B 4 -6.07 -18.73 -5.60
N SER B 5 -5.77 -17.90 -4.60
CA SER B 5 -4.53 -18.05 -3.84
C SER B 5 -4.78 -19.00 -2.67
N MET B 6 -3.95 -20.02 -2.56
CA MET B 6 -4.12 -21.11 -1.58
C MET B 6 -4.32 -20.61 -0.15
N GLN B 7 -4.98 -21.43 0.66
CA GLN B 7 -5.11 -21.11 2.09
C GLN B 7 -3.84 -21.49 2.83
N TYR B 8 -3.04 -22.37 2.24
CA TYR B 8 -1.76 -22.75 2.82
C TYR B 8 -0.64 -22.50 1.84
N VAL B 9 0.47 -22.01 2.36
CA VAL B 9 1.69 -21.98 1.57
C VAL B 9 2.71 -22.80 2.35
N GLY B 10 3.14 -23.91 1.75
CA GLY B 10 3.93 -24.89 2.48
C GLY B 10 3.23 -25.20 3.78
N PRO B 11 3.96 -25.10 4.90
CA PRO B 11 3.38 -25.34 6.22
C PRO B 11 2.69 -24.12 6.81
N TYR B 12 2.54 -23.05 6.03
CA TYR B 12 1.94 -21.84 6.55
C TYR B 12 0.50 -21.69 6.04
N ARG B 13 -0.42 -21.49 6.97
CA ARG B 13 -1.82 -21.20 6.64
C ARG B 13 -1.95 -19.69 6.49
N LEU B 14 -2.60 -19.25 5.41
CA LEU B 14 -2.73 -17.80 5.20
C LEU B 14 -3.88 -17.21 6.01
N GLU B 15 -3.57 -16.21 6.82
CA GLU B 15 -4.61 -15.50 7.56
C GLU B 15 -4.85 -14.13 6.91
N LYS B 16 -4.90 -13.06 7.71
CA LYS B 16 -5.33 -11.77 7.18
C LYS B 16 -4.32 -11.10 6.25
N THR B 17 -4.84 -10.24 5.36
CA THR B 17 -3.97 -9.45 4.51
C THR B 17 -3.27 -8.40 5.38
N LEU B 18 -1.96 -8.25 5.23
CA LEU B 18 -1.24 -7.23 6.00
C LEU B 18 -1.12 -5.94 5.21
N GLY B 19 -0.96 -6.04 3.89
CA GLY B 19 -0.75 -4.87 3.06
C GLY B 19 -0.54 -5.25 1.61
N LYS B 20 -0.56 -4.25 0.73
CA LYS B 20 -0.34 -4.53 -0.68
C LYS B 20 0.18 -3.32 -1.41
N GLY B 21 0.56 -3.55 -2.65
CA GLY B 21 1.09 -2.49 -3.49
C GLY B 21 1.37 -3.12 -4.83
N GLN B 22 2.12 -2.40 -5.67
CA GLN B 22 2.36 -2.84 -7.03
C GLN B 22 3.27 -4.07 -7.11
N THR B 23 4.12 -4.26 -6.11
CA THR B 23 5.05 -5.39 -6.11
C THR B 23 4.47 -6.66 -5.48
N GLY B 24 3.19 -6.60 -5.08
CA GLY B 24 2.53 -7.78 -4.55
C GLY B 24 1.71 -7.58 -3.28
N LEU B 25 1.07 -8.67 -2.84
CA LEU B 25 0.18 -8.63 -1.70
C LEU B 25 0.81 -9.39 -0.53
N VAL B 26 0.76 -8.81 0.66
CA VAL B 26 1.38 -9.49 1.81
C VAL B 26 0.34 -9.94 2.82
N LYS B 27 0.39 -11.23 3.15
CA LYS B 27 -0.49 -11.81 4.16
C LYS B 27 0.32 -12.42 5.32
N LEU B 28 -0.30 -12.42 6.50
CA LEU B 28 0.25 -13.09 7.66
C LEU B 28 0.11 -14.60 7.47
N GLY B 29 1.20 -15.33 7.67
CA GLY B 29 1.16 -16.78 7.55
C GLY B 29 1.40 -17.41 8.90
N ILE B 30 0.71 -18.50 9.20
CA ILE B 30 0.94 -19.24 10.44
C ILE B 30 1.38 -20.66 10.16
N HIS B 31 2.52 -21.04 10.74
CA HIS B 31 3.00 -22.40 10.56
C HIS B 31 2.00 -23.35 11.17
N CYS B 32 1.67 -24.42 10.46
CA CYS B 32 0.61 -25.28 10.94
C CYS B 32 1.06 -26.21 12.09
N VAL B 33 2.36 -26.47 12.17
CA VAL B 33 2.91 -27.27 13.27
C VAL B 33 3.34 -26.39 14.46
N THR B 34 4.20 -25.41 14.18
CA THR B 34 4.86 -24.63 15.22
C THR B 34 4.17 -23.31 15.55
N CYS B 35 3.21 -22.92 14.72
CA CYS B 35 2.44 -21.68 14.89
C CYS B 35 3.28 -20.39 14.88
N GLN B 36 4.44 -20.45 14.24
CA GLN B 36 5.27 -19.26 14.10
C GLN B 36 4.64 -18.29 13.07
N LYS B 37 4.88 -17.01 13.27
CA LYS B 37 4.37 -15.99 12.34
C LYS B 37 5.38 -15.73 11.23
N VAL B 38 4.87 -15.70 10.00
CA VAL B 38 5.66 -15.19 8.89
C VAL B 38 4.82 -14.21 8.09
N ALA B 39 5.47 -13.37 7.29
CA ALA B 39 4.76 -12.59 6.30
C ALA B 39 4.94 -13.29 4.97
N ILE B 40 3.84 -13.48 4.27
CA ILE B 40 3.95 -14.12 2.98
C ILE B 40 3.63 -13.14 1.85
N LYS B 41 4.60 -12.91 0.99
CA LYS B 41 4.38 -12.00 -0.12
C LYS B 41 4.00 -12.77 -1.38
N ILE B 42 2.81 -12.45 -1.91
CA ILE B 42 2.25 -13.11 -3.07
C ILE B 42 2.45 -12.27 -4.33
N VAL B 43 3.14 -12.83 -5.32
CA VAL B 43 3.44 -12.14 -6.57
C VAL B 43 2.73 -12.81 -7.74
N ASN B 44 2.00 -12.03 -8.53
CA ASN B 44 1.40 -12.54 -9.76
C ASN B 44 2.49 -12.77 -10.80
N ARG B 45 2.68 -14.03 -11.20
CA ARG B 45 3.76 -14.37 -12.11
C ARG B 45 3.38 -14.27 -13.58
N GLU B 46 2.09 -14.20 -13.87
CA GLU B 46 1.63 -14.11 -15.25
C GLU B 46 1.94 -12.75 -15.87
N LYS B 47 1.97 -11.70 -15.05
CA LYS B 47 2.16 -10.33 -15.54
C LYS B 47 3.62 -9.89 -15.53
N LEU B 48 4.53 -10.84 -15.69
CA LEU B 48 5.97 -10.52 -15.74
C LEU B 48 6.63 -11.03 -17.01
N SER B 49 7.57 -10.26 -17.53
CA SER B 49 8.42 -10.70 -18.64
C SER B 49 9.21 -11.94 -18.23
N GLU B 50 9.55 -12.79 -19.20
CA GLU B 50 10.34 -13.98 -18.89
C GLU B 50 11.75 -13.60 -18.45
N SER B 51 12.28 -12.53 -19.05
CA SER B 51 13.59 -12.02 -18.68
C SER B 51 13.55 -11.47 -17.26
N VAL B 52 12.45 -10.81 -16.91
CA VAL B 52 12.24 -10.34 -15.55
C VAL B 52 12.21 -11.52 -14.58
N LEU B 53 11.36 -12.49 -14.86
CA LEU B 53 11.23 -13.68 -14.03
C LEU B 53 12.58 -14.35 -13.80
N MET B 54 13.38 -14.44 -14.86
CA MET B 54 14.71 -15.01 -14.76
C MET B 54 15.54 -14.23 -13.74
N LYS B 55 15.59 -12.91 -13.91
CA LYS B 55 16.36 -12.05 -13.02
C LYS B 55 15.87 -12.18 -11.57
N VAL B 56 14.56 -12.22 -11.40
CA VAL B 56 13.96 -12.34 -10.08
C VAL B 56 14.32 -13.67 -9.43
N GLU B 57 14.07 -14.77 -10.14
CA GLU B 57 14.38 -16.10 -9.64
C GLU B 57 15.86 -16.23 -9.22
N ARG B 58 16.73 -15.48 -9.90
CA ARG B 58 18.15 -15.43 -9.56
C ARG B 58 18.39 -14.71 -8.23
N GLU B 59 17.86 -13.50 -8.12
CA GLU B 59 18.06 -12.72 -6.91
C GLU B 59 17.46 -13.42 -5.69
N ILE B 60 16.32 -14.05 -5.91
CA ILE B 60 15.62 -14.85 -4.93
C ILE B 60 16.50 -15.97 -4.39
N ALA B 61 17.17 -16.68 -5.31
CA ALA B 61 17.99 -17.81 -4.93
C ALA B 61 19.13 -17.33 -4.01
N ILE B 62 19.70 -16.19 -4.35
CA ILE B 62 20.72 -15.57 -3.53
C ILE B 62 20.16 -15.20 -2.14
N LEU B 63 19.04 -14.50 -2.13
CA LEU B 63 18.48 -13.99 -0.88
C LEU B 63 18.04 -15.10 0.06
N LYS B 64 17.57 -16.21 -0.50
CA LYS B 64 17.18 -17.36 0.30
C LYS B 64 18.41 -17.90 1.04
N LEU B 65 19.57 -17.77 0.41
CA LEU B 65 20.82 -18.35 0.94
C LEU B 65 21.57 -17.50 1.95
N ILE B 66 21.25 -16.21 2.07
CA ILE B 66 22.04 -15.34 2.95
C ILE B 66 21.20 -14.71 4.05
N GLU B 67 21.88 -14.25 5.10
CA GLU B 67 21.17 -13.68 6.24
C GLU B 67 21.95 -12.49 6.81
N HIS B 68 21.23 -11.43 7.13
CA HIS B 68 21.84 -10.25 7.77
C HIS B 68 20.83 -9.68 8.77
N PRO B 69 21.31 -9.26 9.97
CA PRO B 69 20.38 -8.82 11.03
C PRO B 69 19.53 -7.60 10.67
N HIS B 70 19.90 -6.84 9.64
CA HIS B 70 19.12 -5.67 9.22
C HIS B 70 18.54 -5.78 7.79
N VAL B 71 18.45 -7.01 7.31
CA VAL B 71 17.78 -7.31 6.06
C VAL B 71 16.65 -8.29 6.37
N LEU B 72 15.44 -7.96 5.95
CA LEU B 72 14.30 -8.83 6.14
C LEU B 72 14.60 -10.21 5.54
N LYS B 73 14.62 -11.23 6.38
CA LYS B 73 14.99 -12.58 5.92
C LYS B 73 13.94 -13.24 4.99
N LEU B 74 14.37 -13.65 3.81
CA LEU B 74 13.57 -14.50 2.94
C LEU B 74 13.87 -15.96 3.29
N HIS B 75 12.91 -16.64 3.88
CA HIS B 75 13.13 -18.01 4.38
C HIS B 75 13.00 -19.04 3.27
N ASP B 76 12.03 -18.85 2.39
CA ASP B 76 11.75 -19.85 1.38
C ASP B 76 10.88 -19.21 0.32
N VAL B 77 10.75 -19.91 -0.81
CA VAL B 77 9.87 -19.48 -1.88
C VAL B 77 9.06 -20.68 -2.40
N TYR B 78 7.80 -20.42 -2.71
CA TYR B 78 6.93 -21.46 -3.22
C TYR B 78 6.33 -20.98 -4.52
N GLU B 79 6.07 -21.90 -5.43
CA GLU B 79 5.57 -21.54 -6.74
C GLU B 79 4.42 -22.43 -7.17
N ASN B 80 3.36 -21.82 -7.69
CA ASN B 80 2.44 -22.51 -8.56
C ASN B 80 2.53 -21.86 -9.94
N LYS B 81 1.67 -22.25 -10.87
CA LYS B 81 1.76 -21.75 -12.24
C LYS B 81 1.52 -20.23 -12.34
N LYS B 82 0.73 -19.68 -11.42
CA LYS B 82 0.35 -18.27 -11.50
C LYS B 82 1.01 -17.41 -10.42
N TYR B 83 0.99 -17.89 -9.18
CA TYR B 83 1.46 -17.08 -8.06
C TYR B 83 2.78 -17.57 -7.47
N LEU B 84 3.66 -16.61 -7.18
CA LEU B 84 4.85 -16.88 -6.44
C LEU B 84 4.65 -16.41 -5.01
N TYR B 85 5.15 -17.21 -4.07
CA TYR B 85 4.94 -16.93 -2.66
C TYR B 85 6.29 -16.81 -1.98
N LEU B 86 6.54 -15.66 -1.39
CA LEU B 86 7.78 -15.44 -0.67
C LEU B 86 7.53 -15.52 0.83
N VAL B 87 8.21 -16.43 1.49
CA VAL B 87 8.09 -16.54 2.94
C VAL B 87 9.13 -15.68 3.64
N LEU B 88 8.65 -14.66 4.34
CA LEU B 88 9.48 -13.61 4.90
C LEU B 88 9.37 -13.53 6.42
N GLU B 89 10.47 -13.12 7.03
CA GLU B 89 10.50 -12.72 8.42
C GLU B 89 9.36 -11.75 8.72
N HIS B 90 8.73 -11.94 9.87
CA HIS B 90 7.57 -11.13 10.23
C HIS B 90 7.99 -10.11 11.26
N VAL B 91 7.76 -8.86 10.94
CA VAL B 91 8.13 -7.76 11.82
C VAL B 91 6.93 -6.82 11.90
N SER B 92 6.70 -6.21 13.06
CA SER B 92 5.50 -5.39 13.23
C SER B 92 5.68 -4.10 14.05
N GLY B 93 6.89 -3.57 14.12
CA GLY B 93 7.15 -2.36 14.88
C GLY B 93 6.84 -1.07 14.10
N GLY B 94 6.37 -1.23 12.88
CA GLY B 94 6.09 -0.10 12.02
C GLY B 94 7.25 0.20 11.09
N GLU B 95 7.42 1.47 10.75
CA GLU B 95 8.46 1.84 9.82
C GLU B 95 9.27 2.99 10.40
N LEU B 96 10.48 3.16 9.89
CA LEU B 96 11.45 4.08 10.47
C LEU B 96 10.94 5.54 10.66
N PHE B 97 10.17 6.05 9.70
CA PHE B 97 9.66 7.43 9.84
C PHE B 97 8.58 7.59 10.90
N ASP B 98 7.95 6.49 11.33
CA ASP B 98 7.02 6.57 12.46
C ASP B 98 7.81 7.04 13.68
N TYR B 99 9.02 6.52 13.80
CA TYR B 99 9.89 6.89 14.90
C TYR B 99 10.39 8.31 14.71
N LEU B 100 10.77 8.64 13.49
CA LEU B 100 11.22 9.99 13.18
C LEU B 100 10.15 11.04 13.48
N VAL B 101 8.92 10.74 13.06
CA VAL B 101 7.83 11.69 13.26
C VAL B 101 7.64 11.97 14.76
N LYS B 102 7.71 10.92 15.58
CA LYS B 102 7.57 11.11 17.04
C LYS B 102 8.67 12.01 17.64
N LYS B 103 9.88 11.95 17.07
CA LYS B 103 11.02 12.71 17.60
C LYS B 103 11.20 14.07 16.95
N GLY B 104 10.58 14.28 15.78
CA GLY B 104 10.73 15.51 15.03
C GLY B 104 11.99 15.50 14.18
N ARG B 105 13.14 15.41 14.84
CA ARG B 105 14.41 15.10 14.21
C ARG B 105 15.30 14.37 15.21
N LEU B 106 16.23 13.57 14.71
CA LEU B 106 17.09 12.77 15.57
C LEU B 106 18.39 13.49 15.82
N THR B 107 18.99 13.23 16.98
CA THR B 107 20.36 13.67 17.23
C THR B 107 21.26 13.00 16.21
N PRO B 108 22.44 13.58 15.96
CA PRO B 108 23.44 12.93 15.12
C PRO B 108 23.81 11.53 15.64
N LYS B 109 23.88 11.35 16.96
CA LYS B 109 24.16 10.02 17.50
C LYS B 109 23.10 8.95 17.21
N GLU B 110 21.83 9.31 17.31
CA GLU B 110 20.78 8.33 17.01
C GLU B 110 20.61 8.10 15.49
N ALA B 111 20.73 9.18 14.71
CA ALA B 111 20.62 9.08 13.26
C ALA B 111 21.66 8.10 12.73
N ARG B 112 22.85 8.18 13.31
CA ARG B 112 23.99 7.39 12.88
C ARG B 112 23.87 5.90 13.26
N LYS B 113 23.22 5.61 14.37
CA LYS B 113 22.92 4.23 14.72
C LYS B 113 22.12 3.60 13.58
N PHE B 114 21.05 4.28 13.17
CA PHE B 114 20.22 3.78 12.08
C PHE B 114 20.96 3.72 10.74
N PHE B 115 21.77 4.74 10.49
CA PHE B 115 22.55 4.82 9.26
C PHE B 115 23.57 3.66 9.15
N ARG B 116 24.19 3.31 10.26
CA ARG B 116 25.10 2.16 10.28
C ARG B 116 24.37 0.84 10.02
N GLN B 117 23.19 0.65 10.61
CA GLN B 117 22.35 -0.52 10.25
C GLN B 117 22.03 -0.59 8.76
N ILE B 118 21.70 0.55 8.16
CA ILE B 118 21.29 0.59 6.77
C ILE B 118 22.46 0.35 5.85
N ILE B 119 23.56 1.04 6.13
CA ILE B 119 24.78 0.88 5.34
C ILE B 119 25.36 -0.53 5.42
N SER B 120 25.32 -1.11 6.62
CA SER B 120 25.79 -2.47 6.83
C SER B 120 24.97 -3.48 6.00
N ALA B 121 23.65 -3.34 6.02
CA ALA B 121 22.78 -4.19 5.21
C ALA B 121 23.03 -4.01 3.72
N LEU B 122 23.25 -2.78 3.28
CA LEU B 122 23.50 -2.50 1.87
C LEU B 122 24.84 -3.05 1.44
N ASP B 123 25.83 -2.85 2.28
CA ASP B 123 27.16 -3.36 2.01
C ASP B 123 27.11 -4.89 1.82
N PHE B 124 26.43 -5.56 2.73
CA PHE B 124 26.27 -7.01 2.70
C PHE B 124 25.61 -7.45 1.39
N CYS B 125 24.47 -6.82 1.05
CA CYS B 125 23.71 -7.25 -0.14
C CYS B 125 24.47 -6.95 -1.43
N HIS B 126 25.15 -5.81 -1.43
CA HIS B 126 25.97 -5.42 -2.58
C HIS B 126 27.10 -6.40 -2.77
N SER B 127 27.65 -6.91 -1.66
CA SER B 127 28.73 -7.88 -1.70
C SER B 127 28.27 -9.18 -2.33
N HIS B 128 26.96 -9.45 -2.27
CA HIS B 128 26.41 -10.66 -2.88
C HIS B 128 25.73 -10.36 -4.22
N SER B 129 26.16 -9.28 -4.87
CA SER B 129 25.64 -8.85 -6.16
C SER B 129 24.14 -8.51 -6.16
N ILE B 130 23.63 -8.00 -5.04
CA ILE B 130 22.23 -7.60 -4.93
C ILE B 130 22.09 -6.12 -4.54
N CYS B 131 21.53 -5.31 -5.45
CA CYS B 131 21.27 -3.91 -5.15
C CYS B 131 19.79 -3.74 -4.82
N HIS B 132 19.42 -2.73 -4.04
CA HIS B 132 18.00 -2.48 -3.77
C HIS B 132 17.31 -1.76 -4.92
N ARG B 133 17.85 -0.60 -5.29
CA ARG B 133 17.41 0.16 -6.46
C ARG B 133 16.14 0.99 -6.26
N ASP B 134 15.44 0.80 -5.16
CA ASP B 134 14.17 1.51 -4.96
C ASP B 134 14.01 1.78 -3.47
N LEU B 135 15.13 2.14 -2.83
CA LEU B 135 15.16 2.30 -1.39
C LEU B 135 14.37 3.53 -0.98
N LYS B 136 13.40 3.34 -0.11
CA LYS B 136 12.59 4.43 0.38
C LYS B 136 12.16 4.11 1.80
N PRO B 137 11.66 5.11 2.53
CA PRO B 137 11.31 4.90 3.95
C PRO B 137 10.43 3.70 4.27
N GLU B 138 9.39 3.43 3.48
CA GLU B 138 8.55 2.28 3.77
C GLU B 138 9.26 0.91 3.70
N ASN B 139 10.45 0.88 3.08
CA ASN B 139 11.26 -0.34 3.08
C ASN B 139 12.06 -0.51 4.37
N LEU B 140 12.06 0.52 5.21
CA LEU B 140 12.88 0.49 6.40
C LEU B 140 11.98 0.16 7.56
N LEU B 141 11.76 -1.13 7.78
CA LEU B 141 10.86 -1.58 8.81
C LEU B 141 11.55 -1.63 10.15
N LEU B 142 10.76 -1.51 11.21
CA LEU B 142 11.26 -1.55 12.56
C LEU B 142 10.78 -2.81 13.25
N ASP B 143 11.67 -3.49 13.94
CA ASP B 143 11.26 -4.55 14.84
C ASP B 143 10.85 -3.95 16.20
N GLU B 144 10.55 -4.80 17.17
CA GLU B 144 10.07 -4.35 18.48
C GLU B 144 11.11 -3.63 19.32
N ARG B 145 12.38 -3.85 18.99
CA ARG B 145 13.48 -3.21 19.68
C ARG B 145 13.95 -2.01 18.90
N ASN B 146 13.13 -1.59 17.94
CA ASN B 146 13.37 -0.37 17.17
C ASN B 146 14.56 -0.49 16.24
N ASN B 147 14.90 -1.71 15.84
CA ASN B 147 15.97 -1.94 14.87
C ASN B 147 15.42 -2.21 13.46
N ILE B 148 16.13 -1.66 12.48
CA ILE B 148 15.74 -1.74 11.08
C ILE B 148 15.83 -3.15 10.46
N ARG B 149 14.84 -3.51 9.64
CA ARG B 149 15.00 -4.55 8.64
C ARG B 149 14.70 -3.92 7.32
N ILE B 150 15.61 -4.06 6.38
CA ILE B 150 15.37 -3.46 5.07
C ILE B 150 14.60 -4.48 4.27
N ALA B 151 13.41 -4.10 3.82
CA ALA B 151 12.61 -5.00 2.99
C ALA B 151 12.74 -4.68 1.49
N ASP B 152 12.38 -5.67 0.68
CA ASP B 152 12.16 -5.52 -0.75
C ASP B 152 13.39 -5.45 -1.62
N PHE B 153 14.50 -5.95 -1.10
CA PHE B 153 15.65 -6.21 -1.94
C PHE B 153 15.23 -7.15 -3.06
N GLY B 154 15.50 -6.72 -4.29
CA GLY B 154 15.30 -7.57 -5.45
C GLY B 154 13.93 -7.46 -6.07
N MET B 155 13.13 -6.53 -5.58
CA MET B 155 11.76 -6.37 -6.04
C MET B 155 11.64 -5.31 -7.12
N ALA B 156 12.70 -4.54 -7.33
CA ALA B 156 12.66 -3.44 -8.29
C ALA B 156 12.16 -3.85 -9.69
N SER B 157 12.61 -5.00 -10.17
CA SER B 157 12.24 -5.48 -11.50
C SER B 157 10.73 -5.53 -11.72
N LEU B 158 9.99 -5.71 -10.63
CA LEU B 158 8.53 -5.80 -10.69
C LEU B 158 7.90 -4.42 -10.90
N SER B 171 7.60 8.22 -4.31
CA SER B 171 8.83 7.55 -4.73
C SER B 171 9.94 8.45 -5.30
N PRO B 172 9.60 9.43 -6.18
CA PRO B 172 10.70 10.20 -6.78
C PRO B 172 11.57 10.92 -5.76
N HIS B 173 11.03 11.20 -4.57
CA HIS B 173 11.75 11.97 -3.56
C HIS B 173 13.07 11.31 -3.16
N TYR B 174 13.16 10.00 -3.33
CA TYR B 174 14.31 9.27 -2.83
C TYR B 174 15.18 8.72 -3.94
N ALA B 175 14.72 8.91 -5.18
CA ALA B 175 15.43 8.39 -6.35
C ALA B 175 16.53 9.32 -6.87
N CYS B 176 17.67 8.74 -7.28
CA CYS B 176 18.72 9.53 -7.87
C CYS B 176 18.30 10.02 -9.27
N PRO B 177 18.93 11.10 -9.77
CA PRO B 177 18.60 11.67 -11.07
C PRO B 177 18.68 10.66 -12.21
N GLU B 178 19.60 9.72 -12.13
CA GLU B 178 19.75 8.79 -13.23
C GLU B 178 18.58 7.81 -13.28
N VAL B 179 17.96 7.55 -12.12
CA VAL B 179 16.79 6.69 -12.04
C VAL B 179 15.58 7.47 -12.54
N ILE B 180 15.49 8.73 -12.14
CA ILE B 180 14.39 9.60 -12.58
C ILE B 180 14.41 9.82 -14.10
N ARG B 181 15.59 9.79 -14.68
CA ARG B 181 15.70 9.97 -16.12
C ARG B 181 15.59 8.63 -16.85
N GLY B 182 15.31 7.57 -16.10
CA GLY B 182 15.17 6.24 -16.68
C GLY B 182 16.39 5.79 -17.45
N GLU B 183 17.55 6.34 -17.10
CA GLU B 183 18.78 5.97 -17.76
C GLU B 183 19.31 4.67 -17.18
N LYS B 184 20.27 4.05 -17.86
CA LYS B 184 20.84 2.82 -17.37
C LYS B 184 21.89 3.18 -16.32
N TYR B 185 21.66 2.72 -15.10
CA TYR B 185 22.45 3.19 -13.97
C TYR B 185 23.10 2.05 -13.19
N ASP B 186 24.11 2.43 -12.40
CA ASP B 186 24.72 1.54 -11.41
C ASP B 186 23.74 1.45 -10.23
N GLY B 187 23.40 0.23 -9.84
CA GLY B 187 22.47 0.04 -8.73
C GLY B 187 23.05 0.45 -7.38
N ARG B 188 24.35 0.22 -7.20
CA ARG B 188 25.01 0.56 -5.94
C ARG B 188 24.98 2.06 -5.73
N LYS B 189 25.11 2.81 -6.81
CA LYS B 189 25.20 4.26 -6.74
C LYS B 189 23.84 4.84 -6.44
N ALA B 190 22.81 4.25 -7.03
CA ALA B 190 21.43 4.62 -6.73
C ALA B 190 21.10 4.43 -5.24
N ASP B 191 21.54 3.32 -4.66
CA ASP B 191 21.31 3.04 -3.24
C ASP B 191 22.03 4.08 -2.36
N VAL B 192 23.22 4.51 -2.78
CA VAL B 192 23.97 5.50 -2.01
C VAL B 192 23.22 6.84 -1.98
N TRP B 193 22.74 7.27 -3.14
CA TRP B 193 21.91 8.48 -3.22
C TRP B 193 20.72 8.41 -2.28
N SER B 194 19.95 7.32 -2.39
CA SER B 194 18.77 7.09 -1.57
C SER B 194 19.09 7.12 -0.09
N CYS B 195 20.20 6.51 0.31
CA CYS B 195 20.60 6.52 1.72
C CYS B 195 20.96 7.90 2.22
N GLY B 196 21.54 8.70 1.32
CA GLY B 196 21.87 10.08 1.64
C GLY B 196 20.62 10.87 1.96
N VAL B 197 19.62 10.74 1.09
CA VAL B 197 18.32 11.39 1.29
C VAL B 197 17.69 10.98 2.63
N ILE B 198 17.76 9.69 2.94
CA ILE B 198 17.18 9.19 4.17
C ILE B 198 17.94 9.70 5.40
N LEU B 199 19.27 9.68 5.32
CA LEU B 199 20.09 10.24 6.38
C LEU B 199 19.72 11.70 6.59
N PHE B 200 19.55 12.43 5.50
CA PHE B 200 19.13 13.83 5.60
C PHE B 200 17.85 13.96 6.39
N ALA B 201 16.83 13.17 6.02
CA ALA B 201 15.54 13.25 6.66
C ALA B 201 15.64 12.93 8.16
N LEU B 202 16.48 11.96 8.51
CA LEU B 202 16.67 11.59 9.92
C LEU B 202 17.18 12.78 10.74
N LEU B 203 18.11 13.53 10.15
CA LEU B 203 18.78 14.63 10.84
C LEU B 203 17.98 15.92 10.82
N VAL B 204 17.09 16.07 9.84
CA VAL B 204 16.40 17.33 9.62
C VAL B 204 14.90 17.25 9.91
N GLY B 205 14.31 16.09 9.69
CA GLY B 205 12.88 15.98 9.87
C GLY B 205 12.12 16.49 8.65
N ALA B 206 12.87 16.88 7.63
CA ALA B 206 12.29 17.26 6.34
C ALA B 206 13.19 16.70 5.23
N LEU B 207 12.66 16.65 4.02
CA LEU B 207 13.36 16.08 2.87
C LEU B 207 14.22 17.13 2.16
N PRO B 208 15.36 16.72 1.58
CA PRO B 208 16.19 17.69 0.87
C PRO B 208 15.51 18.21 -0.42
N PHE B 209 14.68 17.38 -1.03
CA PHE B 209 13.96 17.76 -2.24
C PHE B 209 12.47 17.53 -2.03
N ASP B 210 11.68 18.60 -2.07
CA ASP B 210 10.23 18.45 -1.94
C ASP B 210 9.45 19.52 -2.69
N ASP B 211 8.31 19.13 -3.23
CA ASP B 211 7.45 20.06 -3.92
C ASP B 211 6.01 19.61 -3.92
N ASP B 212 5.10 20.59 -3.93
CA ASP B 212 3.68 20.34 -4.04
C ASP B 212 3.35 19.77 -5.42
N ASN B 213 4.16 20.14 -6.40
CA ASN B 213 3.95 19.74 -7.80
C ASN B 213 4.97 18.71 -8.26
N LEU B 214 4.51 17.61 -8.85
CA LEU B 214 5.41 16.54 -9.26
C LEU B 214 6.51 16.99 -10.24
N ARG B 215 6.09 17.60 -11.34
CA ARG B 215 7.01 18.02 -12.39
C ARG B 215 8.14 18.86 -11.81
N GLN B 216 7.80 19.76 -10.90
CA GLN B 216 8.79 20.60 -10.25
C GLN B 216 9.74 19.82 -9.34
N LEU B 217 9.21 18.87 -8.60
CA LEU B 217 10.01 18.01 -7.73
C LEU B 217 11.10 17.28 -8.53
N LEU B 218 10.72 16.70 -9.67
CA LEU B 218 11.66 15.98 -10.51
C LEU B 218 12.83 16.87 -10.93
N GLU B 219 12.55 18.13 -11.23
CA GLU B 219 13.60 19.04 -11.66
C GLU B 219 14.51 19.39 -10.50
N LYS B 220 13.93 19.63 -9.32
CA LYS B 220 14.74 19.85 -8.12
C LYS B 220 15.72 18.69 -7.93
N VAL B 221 15.23 17.46 -8.01
CA VAL B 221 16.08 16.30 -7.80
C VAL B 221 17.20 16.21 -8.84
N LYS B 222 16.84 16.40 -10.10
CA LYS B 222 17.83 16.36 -11.17
C LYS B 222 18.87 17.45 -10.97
N ARG B 223 18.42 18.63 -10.53
CA ARG B 223 19.33 19.73 -10.26
C ARG B 223 20.22 19.42 -9.05
N GLY B 224 19.67 18.73 -8.06
CA GLY B 224 20.45 18.23 -6.94
C GLY B 224 20.96 19.29 -5.96
N VAL B 225 20.38 20.48 -6.01
CA VAL B 225 20.73 21.51 -5.04
C VAL B 225 19.79 21.47 -3.84
N PHE B 226 20.38 21.37 -2.65
CA PHE B 226 19.60 21.37 -1.41
C PHE B 226 20.31 22.17 -0.32
N HIS B 227 19.57 22.57 0.70
CA HIS B 227 20.14 23.35 1.80
C HIS B 227 20.27 22.50 3.05
N MET B 228 21.47 22.47 3.60
CA MET B 228 21.71 21.80 4.87
C MET B 228 21.69 22.78 6.04
N PRO B 229 20.84 22.51 7.03
CA PRO B 229 20.80 23.36 8.22
C PRO B 229 22.12 23.34 9.01
N HIS B 230 22.36 24.41 9.75
CA HIS B 230 23.60 24.62 10.49
C HIS B 230 23.84 23.57 11.55
N PHE B 231 22.74 23.01 12.06
CA PHE B 231 22.82 22.08 13.17
C PHE B 231 23.29 20.68 12.74
N ILE B 232 23.45 20.47 11.43
CA ILE B 232 24.15 19.27 10.99
C ILE B 232 25.64 19.54 11.12
N PRO B 233 26.37 18.67 11.85
CA PRO B 233 27.80 18.87 12.09
C PRO B 233 28.58 18.76 10.76
N PRO B 234 29.74 19.45 10.66
CA PRO B 234 30.47 19.60 9.40
C PRO B 234 31.03 18.28 8.88
N ASP B 235 31.34 17.36 9.80
CA ASP B 235 31.83 16.06 9.41
C ASP B 235 30.71 15.34 8.68
N CYS B 236 29.54 15.34 9.30
CA CYS B 236 28.37 14.73 8.68
C CYS B 236 27.98 15.45 7.38
N GLN B 237 28.12 16.77 7.34
CA GLN B 237 27.76 17.51 6.13
C GLN B 237 28.56 17.07 4.92
N SER B 238 29.84 16.78 5.13
CA SER B 238 30.71 16.40 4.02
C SER B 238 30.33 15.01 3.54
N LEU B 239 29.80 14.19 4.45
CA LEU B 239 29.32 12.86 4.10
C LEU B 239 28.06 12.98 3.25
N LEU B 240 27.13 13.84 3.66
CA LEU B 240 25.87 14.01 2.94
C LEU B 240 26.06 14.54 1.53
N ARG B 241 27.00 15.45 1.37
CA ARG B 241 27.24 16.07 0.08
C ARG B 241 27.88 15.09 -0.89
N GLY B 242 28.68 14.17 -0.35
CA GLY B 242 29.30 13.14 -1.18
C GLY B 242 28.31 12.06 -1.63
N MET B 243 27.26 11.83 -0.84
CA MET B 243 26.25 10.84 -1.17
C MET B 243 25.18 11.43 -2.07
N ILE B 244 24.66 12.60 -1.70
CA ILE B 244 23.68 13.25 -2.53
C ILE B 244 24.45 14.07 -3.55
N GLU B 245 25.04 13.37 -4.51
CA GLU B 245 25.87 13.97 -5.55
C GLU B 245 25.31 13.58 -6.91
N VAL B 246 25.02 14.56 -7.75
CA VAL B 246 24.36 14.32 -9.01
C VAL B 246 25.25 13.52 -9.98
N ASP B 247 26.54 13.82 -9.99
CA ASP B 247 27.48 13.10 -10.85
C ASP B 247 27.75 11.71 -10.28
N ALA B 248 27.11 10.70 -10.84
CA ALA B 248 27.19 9.34 -10.32
C ALA B 248 28.64 8.84 -10.20
N ALA B 249 29.48 9.29 -11.13
CA ALA B 249 30.89 8.90 -11.11
C ALA B 249 31.61 9.52 -9.92
N ARG B 250 31.19 10.71 -9.49
CA ARG B 250 31.82 11.39 -8.37
C ARG B 250 31.20 11.01 -7.03
N ARG B 251 29.99 10.47 -7.07
CA ARG B 251 29.26 10.08 -5.86
C ARG B 251 30.08 9.08 -5.03
N LEU B 252 30.06 9.23 -3.71
CA LEU B 252 30.74 8.29 -2.81
C LEU B 252 30.30 6.84 -3.03
N THR B 253 31.25 5.91 -2.91
CA THR B 253 30.94 4.48 -2.91
C THR B 253 30.71 4.05 -1.47
N LEU B 254 30.15 2.86 -1.29
CA LEU B 254 29.97 2.30 0.05
C LEU B 254 31.28 2.13 0.76
N GLU B 255 32.34 1.97 -0.02
CA GLU B 255 33.68 1.86 0.53
C GLU B 255 34.13 3.19 1.12
N HIS B 256 33.85 4.28 0.39
CA HIS B 256 34.17 5.62 0.85
C HIS B 256 33.42 5.90 2.14
N ILE B 257 32.13 5.59 2.14
CA ILE B 257 31.25 5.84 3.27
C ILE B 257 31.79 5.19 4.55
N GLN B 258 32.22 3.93 4.42
CA GLN B 258 32.60 3.13 5.57
C GLN B 258 33.98 3.49 6.09
N LYS B 259 34.73 4.25 5.29
CA LYS B 259 36.03 4.76 5.70
C LYS B 259 35.91 6.16 6.33
N HIS B 260 34.72 6.76 6.23
CA HIS B 260 34.50 8.14 6.66
C HIS B 260 34.39 8.23 8.18
N ILE B 261 35.08 9.21 8.75
CA ILE B 261 35.25 9.31 10.20
C ILE B 261 33.93 9.44 10.94
N TRP B 262 32.96 10.13 10.33
CA TRP B 262 31.68 10.26 10.99
C TRP B 262 31.02 8.89 11.08
N TYR B 263 31.15 8.11 10.01
CA TYR B 263 30.61 6.76 10.00
C TYR B 263 31.28 5.91 11.08
N ILE B 264 32.62 5.91 11.04
CA ILE B 264 33.42 5.06 11.89
C ILE B 264 33.18 5.41 13.36
N GLY B 265 32.97 6.70 13.60
CA GLY B 265 32.80 7.22 14.95
C GLY B 265 31.57 6.69 15.63
N GLY B 266 30.72 5.99 14.87
CA GLY B 266 29.49 5.43 15.38
C GLY B 266 29.51 4.00 15.84
N LYS B 267 30.63 3.31 15.63
CA LYS B 267 30.77 1.93 16.03
C LYS B 267 30.39 1.73 17.50
N ASN B 268 29.38 0.91 17.73
CA ASN B 268 28.89 0.59 19.07
C ASN B 268 28.39 1.78 19.88
N GLU B 269 27.88 2.80 19.20
CA GLU B 269 27.35 3.99 19.88
C GLU B 269 25.97 4.36 19.32
N PRO B 270 24.97 4.46 20.20
CA PRO B 270 25.07 4.36 21.67
C PRO B 270 25.12 2.93 22.20
N GLU B 271 24.76 1.96 21.37
CA GLU B 271 24.62 0.59 21.82
C GLU B 271 25.48 -0.36 20.99
N PRO B 272 25.86 -1.51 21.56
CA PRO B 272 26.57 -2.53 20.78
C PRO B 272 25.77 -2.96 19.56
N GLU B 273 26.46 -3.31 18.50
CA GLU B 273 25.82 -3.57 17.23
C GLU B 273 25.70 -5.06 17.00
N GLN B 274 24.68 -5.45 16.23
CA GLN B 274 24.41 -6.83 15.90
C GLN B 274 25.62 -7.55 15.31
N PRO B 275 25.71 -8.88 15.51
CA PRO B 275 26.80 -9.71 14.96
C PRO B 275 26.91 -9.59 13.44
N ILE B 276 28.14 -9.56 12.96
CA ILE B 276 28.42 -9.46 11.52
C ILE B 276 28.42 -10.85 10.92
N PRO B 277 27.51 -11.08 9.98
CA PRO B 277 27.42 -12.42 9.38
C PRO B 277 28.57 -12.62 8.41
N ARG B 278 29.01 -13.86 8.25
CA ARG B 278 30.13 -14.17 7.38
C ARG B 278 29.75 -13.97 5.90
N LYS B 279 30.56 -13.24 5.15
CA LYS B 279 30.38 -13.16 3.70
C LYS B 279 31.08 -14.34 3.01
N VAL B 280 30.46 -14.86 1.96
CA VAL B 280 31.04 -16.00 1.24
C VAL B 280 32.20 -15.58 0.35
N GLN B 281 33.29 -16.34 0.41
CA GLN B 281 34.47 -16.08 -0.43
C GLN B 281 34.26 -16.57 -1.86
N ILE B 282 34.24 -15.63 -2.81
CA ILE B 282 34.04 -15.96 -4.22
C ILE B 282 35.37 -15.90 -4.99
N ARG B 283 35.66 -16.98 -5.71
CA ARG B 283 36.94 -17.12 -6.42
C ARG B 283 36.72 -17.24 -7.92
N SER B 284 37.81 -17.30 -8.67
CA SER B 284 37.68 -17.48 -10.11
C SER B 284 37.52 -18.95 -10.45
N LEU B 285 36.93 -19.20 -11.61
CA LEU B 285 36.82 -20.55 -12.12
C LEU B 285 37.64 -20.62 -13.38
N PRO B 286 38.90 -21.09 -13.25
CA PRO B 286 39.87 -21.05 -14.33
C PRO B 286 39.43 -21.90 -15.52
N SER B 287 38.80 -23.03 -15.25
CA SER B 287 38.38 -23.92 -16.33
C SER B 287 37.22 -24.81 -15.89
N LEU B 288 36.62 -25.48 -16.87
CA LEU B 288 35.55 -26.45 -16.64
C LEU B 288 35.91 -27.43 -15.52
N GLU B 289 37.18 -27.85 -15.51
CA GLU B 289 37.70 -28.80 -14.54
C GLU B 289 37.46 -28.34 -13.11
N ASP B 290 37.53 -27.04 -12.87
CA ASP B 290 37.48 -26.50 -11.52
C ASP B 290 36.05 -26.25 -11.04
N ILE B 291 35.08 -26.73 -11.80
CA ILE B 291 33.68 -26.60 -11.41
C ILE B 291 33.21 -27.88 -10.72
N ASP B 292 32.58 -27.72 -9.56
CA ASP B 292 32.08 -28.86 -8.77
C ASP B 292 30.83 -29.46 -9.40
N PRO B 293 30.88 -30.77 -9.73
CA PRO B 293 29.84 -31.50 -10.45
C PRO B 293 28.47 -31.50 -9.77
N ASP B 294 28.44 -31.68 -8.46
CA ASP B 294 27.19 -31.72 -7.71
C ASP B 294 26.57 -30.33 -7.54
N VAL B 295 27.40 -29.31 -7.34
CA VAL B 295 26.87 -27.95 -7.27
C VAL B 295 26.30 -27.55 -8.63
N LEU B 296 27.04 -27.85 -9.70
CA LEU B 296 26.59 -27.54 -11.05
C LEU B 296 25.25 -28.22 -11.33
N ASP B 297 25.13 -29.47 -10.90
CA ASP B 297 23.90 -30.24 -11.10
C ASP B 297 22.71 -29.60 -10.37
N SER B 298 22.90 -29.25 -9.10
CA SER B 298 21.82 -28.63 -8.33
C SER B 298 21.41 -27.24 -8.88
N MET B 299 22.40 -26.48 -9.34
CA MET B 299 22.11 -25.19 -9.98
C MET B 299 21.37 -25.40 -11.30
N HIS B 300 21.83 -26.39 -12.06
CA HIS B 300 21.25 -26.66 -13.36
C HIS B 300 19.78 -27.03 -13.26
N SER B 301 19.37 -27.53 -12.10
CA SER B 301 17.99 -27.99 -11.90
C SER B 301 17.00 -26.87 -11.65
N LEU B 302 17.50 -25.65 -11.41
CA LEU B 302 16.65 -24.60 -10.85
C LEU B 302 15.57 -24.02 -11.75
N GLY B 303 15.83 -23.92 -13.05
CA GLY B 303 14.82 -23.38 -13.94
C GLY B 303 15.31 -22.16 -14.68
N CYS B 304 15.82 -21.17 -13.95
CA CYS B 304 16.48 -20.04 -14.60
C CYS B 304 17.83 -20.46 -15.16
N PHE B 305 18.30 -21.64 -14.77
CA PHE B 305 19.57 -22.18 -15.23
C PHE B 305 19.41 -23.51 -15.97
N ARG B 306 18.34 -23.66 -16.74
CA ARG B 306 18.06 -24.92 -17.41
C ARG B 306 19.02 -25.18 -18.58
N ASP B 307 19.53 -24.11 -19.18
CA ASP B 307 20.51 -24.24 -20.27
C ASP B 307 21.91 -24.46 -19.70
N ARG B 308 22.36 -25.72 -19.69
CA ARG B 308 23.61 -26.04 -19.03
C ARG B 308 24.79 -25.28 -19.64
N ASN B 309 24.84 -25.20 -20.96
CA ASN B 309 25.93 -24.51 -21.65
C ASN B 309 26.00 -23.01 -21.34
N LYS B 310 24.84 -22.37 -21.32
CA LYS B 310 24.81 -20.94 -20.98
C LYS B 310 25.21 -20.75 -19.52
N LEU B 311 24.85 -21.73 -18.69
CA LEU B 311 25.27 -21.77 -17.29
C LEU B 311 26.78 -21.92 -17.18
N LEU B 312 27.36 -22.81 -17.97
CA LEU B 312 28.80 -23.00 -17.98
C LEU B 312 29.50 -21.73 -18.43
N GLN B 313 28.96 -21.09 -19.46
CA GLN B 313 29.56 -19.84 -19.97
C GLN B 313 29.55 -18.73 -18.93
N ASP B 314 28.42 -18.58 -18.25
CA ASP B 314 28.29 -17.53 -17.25
C ASP B 314 29.20 -17.80 -16.05
N LEU B 315 29.41 -19.07 -15.71
CA LEU B 315 30.31 -19.41 -14.61
C LEU B 315 31.79 -19.22 -14.95
N LEU B 316 32.15 -19.48 -16.20
CA LEU B 316 33.55 -19.38 -16.62
C LEU B 316 33.95 -18.01 -17.15
N SER B 317 32.98 -17.15 -17.42
CA SER B 317 33.27 -15.81 -17.93
C SER B 317 34.09 -15.00 -16.91
N GLU B 318 34.76 -13.96 -17.39
CA GLU B 318 35.60 -13.15 -16.54
C GLU B 318 34.75 -12.23 -15.67
N GLU B 319 33.53 -11.95 -16.15
CA GLU B 319 32.63 -11.01 -15.51
C GLU B 319 32.11 -11.51 -14.15
N GLU B 320 31.93 -10.60 -13.22
CA GLU B 320 31.32 -10.92 -11.94
C GLU B 320 29.82 -10.96 -12.13
N ASN B 321 29.16 -12.01 -11.67
CA ASN B 321 27.73 -12.12 -11.89
C ASN B 321 27.00 -12.93 -10.83
N GLN B 322 25.68 -12.96 -10.94
CA GLN B 322 24.88 -13.64 -9.94
C GLN B 322 24.98 -15.15 -10.06
N GLU B 323 25.33 -15.64 -11.26
CA GLU B 323 25.52 -17.07 -11.49
C GLU B 323 26.68 -17.57 -10.64
N LYS B 324 27.80 -16.88 -10.74
CA LYS B 324 28.96 -17.16 -9.91
C LYS B 324 28.63 -17.07 -8.42
N MET B 325 27.85 -16.04 -8.05
CA MET B 325 27.54 -15.82 -6.63
C MET B 325 26.78 -17.01 -6.05
N ILE B 326 25.72 -17.42 -6.75
CA ILE B 326 24.92 -18.57 -6.36
C ILE B 326 25.79 -19.82 -6.23
N TYR B 327 26.64 -20.05 -7.24
CA TYR B 327 27.53 -21.21 -7.22
C TYR B 327 28.37 -21.26 -5.95
N PHE B 328 29.04 -20.15 -5.63
CA PHE B 328 29.90 -20.11 -4.44
C PHE B 328 29.13 -20.16 -3.12
N LEU B 329 27.92 -19.63 -3.10
CA LEU B 329 27.06 -19.78 -1.93
C LEU B 329 26.70 -21.24 -1.70
N LEU B 330 26.35 -21.94 -2.78
CA LEU B 330 25.98 -23.35 -2.69
C LEU B 330 27.20 -24.19 -2.36
N LEU B 331 28.32 -23.88 -3.00
CA LEU B 331 29.57 -24.55 -2.71
C LEU B 331 29.89 -24.42 -1.23
N ASP B 332 29.83 -23.19 -0.73
CA ASP B 332 30.06 -22.89 0.68
C ASP B 332 29.11 -23.69 1.57
N ARG B 333 27.86 -23.83 1.12
CA ARG B 333 26.82 -24.55 1.87
C ARG B 333 27.11 -26.03 1.98
N LYS B 334 27.71 -26.61 0.95
CA LYS B 334 28.02 -28.03 0.95
C LYS B 334 29.10 -28.35 1.99
N LEU B 335 30.12 -27.50 2.04
CA LEU B 335 31.21 -27.64 2.99
C LEU B 335 30.77 -27.22 4.39
#